data_7EZI
#
_entry.id   7EZI
#
_cell.length_a   46.745
_cell.length_b   54.877
_cell.length_c   56.753
_cell.angle_alpha   90.000
_cell.angle_beta   102.268
_cell.angle_gamma   90.000
#
_symmetry.space_group_name_H-M   'P 1 21 1'
#
loop_
_entity.id
_entity.type
_entity.pdbx_description
1 polymer 'L-galactose dehydrogenase'
2 non-polymer 'MAGNESIUM ION'
3 water water
#
_entity_poly.entity_id   1
_entity_poly.type   'polypeptide(L)'
_entity_poly.pdbx_seq_one_letter_code
;MAHHHHHHMELRELGATGLRVSPVGFGASPLGHVFGDVPRDVARAAVRRALDLGINFFDTSPYYGGTVSESVLGDCLRAA
GVPRDRFVVATKCGRYREGFDFSAARVTRSVDESLARLGLDYVDILHCHDIEFTDLDQIVNETIPVLQKIKESGKARFIG
ITGLPLSIYTYVLDQVPPGSVDVILSYCHYGINDTALVDLLPYLKSKGVGVISASPLAMGLLTDNGPPEWHPAPKELKLA
CRAAADHCKKKGKNITKLAMQYSLMNNEISTVLVGMNSPEQVEENVAAAIELSTSGIDKELLHEVEAILEPVKNMTWSSG
IEQA
;
_entity_poly.pdbx_strand_id   A
#
loop_
_chem_comp.id
_chem_comp.type
_chem_comp.name
_chem_comp.formula
MG non-polymer 'MAGNESIUM ION' 'Mg 2'
#
# COMPACT_ATOMS: atom_id res chain seq x y z
N ALA A 2 23.17 -3.30 -33.20
CA ALA A 2 21.94 -3.70 -32.42
C ALA A 2 21.87 -2.83 -31.17
N HIS A 3 20.73 -2.89 -30.53
CA HIS A 3 20.49 -2.35 -29.20
C HIS A 3 19.58 -3.30 -28.44
N HIS A 4 19.52 -3.04 -27.13
CA HIS A 4 18.58 -3.79 -26.31
C HIS A 4 17.24 -3.04 -26.20
N HIS A 5 16.08 -3.75 -26.31
CA HIS A 5 14.81 -3.06 -26.09
C HIS A 5 14.67 -2.69 -24.61
N HIS A 6 14.20 -1.48 -24.35
CA HIS A 6 13.89 -1.02 -22.99
C HIS A 6 12.41 -1.15 -22.70
N HIS A 7 12.02 -2.15 -21.87
CA HIS A 7 10.64 -2.22 -21.43
C HIS A 7 10.46 -1.35 -20.18
N HIS A 8 9.26 -0.79 -19.99
CA HIS A 8 8.96 0.04 -18.83
C HIS A 8 7.66 -0.45 -18.23
N MET A 9 7.38 -0.09 -16.97
CA MET A 9 6.08 -0.36 -16.38
C MET A 9 4.99 0.39 -17.15
N GLU A 10 3.78 -0.20 -17.22
CA GLU A 10 2.62 0.45 -17.84
C GLU A 10 1.80 1.05 -16.69
N LEU A 11 1.54 2.37 -16.75
CA LEU A 11 0.71 3.05 -15.73
C LEU A 11 -0.74 2.58 -15.79
N ARG A 12 -1.40 2.63 -14.62
CA ARG A 12 -2.78 2.26 -14.45
C ARG A 12 -3.61 3.47 -14.06
N GLU A 13 -4.89 3.49 -14.43
CA GLU A 13 -5.72 4.59 -14.00
C GLU A 13 -6.29 4.34 -12.61
N LEU A 14 -6.19 5.31 -11.74
CA LEU A 14 -6.63 5.16 -10.34
C LEU A 14 -8.05 5.62 -10.18
N GLY A 15 -9.01 4.70 -10.08
CA GLY A 15 -10.40 5.05 -9.88
C GLY A 15 -10.85 6.01 -10.98
N ALA A 16 -11.55 7.04 -10.53
CA ALA A 16 -12.07 8.08 -11.38
C ALA A 16 -11.25 9.35 -11.10
N THR A 17 -10.04 9.20 -10.56
CA THR A 17 -9.29 10.38 -10.13
C THR A 17 -8.58 11.06 -11.33
N GLY A 18 -8.38 10.37 -12.46
CA GLY A 18 -7.54 10.87 -13.57
C GLY A 18 -6.07 10.57 -13.36
N LEU A 19 -5.64 10.12 -12.16
CA LEU A 19 -4.23 9.88 -11.90
C LEU A 19 -3.81 8.59 -12.56
N ARG A 20 -2.59 8.62 -13.16
CA ARG A 20 -2.03 7.45 -13.82
C ARG A 20 -0.80 7.06 -13.02
N VAL A 21 -0.88 5.87 -12.40
CA VAL A 21 0.04 5.44 -11.36
C VAL A 21 0.80 4.21 -11.78
N SER A 22 2.06 4.13 -11.30
CA SER A 22 2.88 2.95 -11.58
C SER A 22 2.28 1.77 -10.84
N PRO A 23 2.35 0.56 -11.41
CA PRO A 23 1.73 -0.61 -10.79
C PRO A 23 2.43 -1.02 -9.50
N VAL A 24 3.73 -0.75 -9.39
CA VAL A 24 4.46 -0.82 -8.14
C VAL A 24 4.48 0.54 -7.55
N GLY A 25 4.03 0.68 -6.30
CA GLY A 25 4.14 1.93 -5.58
C GLY A 25 5.09 1.80 -4.41
N PHE A 26 5.61 2.92 -3.94
CA PHE A 26 6.57 2.94 -2.84
C PHE A 26 5.82 3.20 -1.54
N GLY A 27 5.79 2.18 -0.68
CA GLY A 27 4.99 2.32 0.57
C GLY A 27 5.87 2.39 1.77
N ALA A 28 5.18 2.47 2.91
CA ALA A 28 5.76 2.40 4.23
C ALA A 28 5.98 0.93 4.61
N SER A 29 6.79 0.70 5.64
CA SER A 29 7.05 -0.60 6.23
C SER A 29 6.49 -0.57 7.66
N PRO A 30 5.93 -1.68 8.24
CA PRO A 30 5.52 -1.66 9.66
C PRO A 30 6.76 -1.58 10.55
N LEU A 31 6.56 -1.06 11.79
CA LEU A 31 7.64 -1.09 12.77
C LEU A 31 8.12 -2.52 12.90
N GLY A 32 9.43 -2.74 13.00
CA GLY A 32 9.92 -4.05 13.41
C GLY A 32 9.83 -5.01 12.21
N HIS A 33 9.82 -4.44 10.97
CA HIS A 33 9.68 -5.21 9.77
C HIS A 33 10.96 -6.02 9.68
N VAL A 34 10.81 -7.02 8.84
CA VAL A 34 11.86 -8.00 8.91
C VAL A 34 13.15 -7.58 8.20
N PHE A 35 13.12 -6.66 7.23
CA PHE A 35 14.41 -6.19 6.68
C PHE A 35 15.28 -5.46 7.72
N GLY A 36 14.66 -4.76 8.67
CA GLY A 36 15.38 -3.88 9.57
C GLY A 36 15.56 -2.48 9.02
N ASP A 37 15.86 -1.55 9.91
CA ASP A 37 15.96 -0.19 9.43
C ASP A 37 17.32 0.10 8.79
N VAL A 38 17.36 1.22 8.09
CA VAL A 38 18.55 1.59 7.35
C VAL A 38 18.87 3.02 7.72
N PRO A 39 20.11 3.48 7.43
CA PRO A 39 20.44 4.91 7.56
C PRO A 39 19.66 5.77 6.58
N ARG A 40 19.51 7.05 6.94
CA ARG A 40 18.75 7.97 6.14
C ARG A 40 19.28 8.05 4.72
N ASP A 41 20.62 7.96 4.52
CA ASP A 41 21.18 8.03 3.18
C ASP A 41 20.74 6.86 2.31
N VAL A 42 20.52 5.70 2.95
CA VAL A 42 20.07 4.53 2.19
C VAL A 42 18.61 4.73 1.81
N ALA A 43 17.81 5.23 2.78
CA ALA A 43 16.39 5.48 2.48
C ALA A 43 16.26 6.47 1.32
N ARG A 44 17.01 7.58 1.36
CA ARG A 44 16.98 8.55 0.26
C ARG A 44 17.41 7.90 -1.06
N ALA A 45 18.46 7.03 -0.99
CA ALA A 45 18.86 6.42 -2.28
C ALA A 45 17.75 5.50 -2.81
N ALA A 46 16.99 4.83 -1.93
CA ALA A 46 15.91 3.95 -2.35
C ALA A 46 14.82 4.79 -3.08
N VAL A 47 14.47 5.93 -2.51
CA VAL A 47 13.47 6.77 -3.17
C VAL A 47 13.98 7.25 -4.52
N ARG A 48 15.25 7.73 -4.58
CA ARG A 48 15.81 8.12 -5.88
C ARG A 48 15.78 6.99 -6.89
N ARG A 49 16.14 5.77 -6.46
CA ARG A 49 16.17 4.68 -7.41
C ARG A 49 14.74 4.44 -7.92
N ALA A 50 13.75 4.56 -7.01
CA ALA A 50 12.36 4.35 -7.43
C ALA A 50 11.94 5.38 -8.50
N LEU A 51 12.26 6.66 -8.24
CA LEU A 51 11.95 7.70 -9.25
C LEU A 51 12.68 7.40 -10.58
N ASP A 52 13.94 6.97 -10.51
CA ASP A 52 14.70 6.71 -11.71
C ASP A 52 14.16 5.50 -12.48
N LEU A 53 13.55 4.51 -11.80
CA LEU A 53 12.97 3.34 -12.45
C LEU A 53 11.50 3.47 -12.83
N GLY A 54 10.91 4.63 -12.58
CA GLY A 54 9.57 4.87 -13.07
C GLY A 54 8.46 4.70 -12.04
N ILE A 55 8.81 4.45 -10.77
CA ILE A 55 7.75 4.46 -9.75
C ILE A 55 7.34 5.92 -9.59
N ASN A 56 6.02 6.18 -9.60
CA ASN A 56 5.57 7.58 -9.49
C ASN A 56 4.53 7.75 -8.40
N PHE A 57 4.34 6.74 -7.51
CA PHE A 57 3.32 6.72 -6.48
C PHE A 57 3.99 6.41 -5.16
N PHE A 58 3.89 7.36 -4.23
CA PHE A 58 4.54 7.28 -2.93
C PHE A 58 3.52 7.43 -1.82
N ASP A 59 3.51 6.47 -0.88
CA ASP A 59 2.54 6.45 0.23
C ASP A 59 3.30 6.54 1.52
N THR A 60 2.86 7.42 2.40
CA THR A 60 3.50 7.63 3.68
C THR A 60 2.46 7.97 4.74
N SER A 61 2.94 8.29 5.96
CA SER A 61 2.00 8.67 7.00
C SER A 61 2.82 9.36 8.07
N PRO A 62 2.14 10.00 9.04
CA PRO A 62 2.85 10.57 10.20
C PRO A 62 3.08 9.53 11.29
N TYR A 63 2.76 8.27 11.10
CA TYR A 63 2.92 7.23 12.13
C TYR A 63 4.31 6.53 11.99
N TYR A 64 4.72 5.73 13.00
CA TYR A 64 5.93 4.88 12.95
C TYR A 64 5.95 4.07 11.64
N GLY A 65 7.13 3.91 11.08
CA GLY A 65 7.35 2.96 10.00
C GLY A 65 8.82 2.52 9.98
N GLY A 66 9.35 2.49 8.76
CA GLY A 66 10.77 2.32 8.50
C GLY A 66 11.45 3.69 8.31
N THR A 67 12.66 3.66 7.75
CA THR A 67 13.48 4.85 7.67
C THR A 67 12.88 5.81 6.64
N VAL A 68 12.08 5.29 5.69
CA VAL A 68 11.44 6.16 4.72
C VAL A 68 10.22 6.85 5.34
N SER A 69 10.24 8.15 5.63
CA SER A 69 9.29 9.03 6.30
C SER A 69 8.78 10.18 5.42
N GLU A 70 7.82 10.99 5.90
CA GLU A 70 7.37 12.16 5.16
C GLU A 70 8.53 13.09 4.88
N SER A 71 9.43 13.30 5.84
CA SER A 71 10.53 14.25 5.62
C SER A 71 11.51 13.71 4.58
N VAL A 72 11.78 12.40 4.61
CA VAL A 72 12.70 11.78 3.62
C VAL A 72 12.08 11.92 2.25
N LEU A 73 10.79 11.59 2.08
CA LEU A 73 10.16 11.72 0.79
C LEU A 73 10.25 13.16 0.33
N GLY A 74 9.97 14.10 1.23
CA GLY A 74 9.98 15.53 0.85
C GLY A 74 11.33 15.99 0.36
N ASP A 75 12.37 15.58 1.07
CA ASP A 75 13.71 15.96 0.65
C ASP A 75 14.05 15.33 -0.69
N CYS A 76 13.69 14.08 -0.94
CA CYS A 76 14.06 13.40 -2.19
C CYS A 76 13.31 14.01 -3.37
N LEU A 77 12.05 14.34 -3.16
CA LEU A 77 11.31 14.97 -4.24
C LEU A 77 11.86 16.36 -4.55
N ARG A 78 12.27 17.09 -3.51
CA ARG A 78 12.82 18.43 -3.72
C ARG A 78 14.12 18.30 -4.51
N ALA A 79 15.00 17.37 -4.13
CA ALA A 79 16.31 17.21 -4.71
C ALA A 79 16.17 16.76 -6.16
N ALA A 80 15.20 15.92 -6.48
CA ALA A 80 14.99 15.40 -7.83
C ALA A 80 14.25 16.39 -8.71
N GLY A 81 13.59 17.38 -8.15
CA GLY A 81 12.90 18.35 -8.97
C GLY A 81 11.80 17.76 -9.85
N VAL A 82 11.09 16.73 -9.41
CA VAL A 82 10.09 16.06 -10.25
C VAL A 82 8.93 17.00 -10.56
N PRO A 83 8.36 17.12 -11.80
CA PRO A 83 7.20 17.98 -11.99
C PRO A 83 6.06 17.47 -11.15
N ARG A 84 5.34 18.39 -10.51
CA ARG A 84 4.34 17.99 -9.56
C ARG A 84 3.27 17.06 -10.15
N ASP A 85 2.87 17.25 -11.41
CA ASP A 85 1.81 16.44 -12.03
C ASP A 85 2.38 15.10 -12.51
N ARG A 86 3.69 14.87 -12.30
CA ARG A 86 4.25 13.57 -12.72
C ARG A 86 4.45 12.57 -11.58
N PHE A 87 4.08 12.96 -10.38
CA PHE A 87 4.08 11.96 -9.31
C PHE A 87 2.87 12.20 -8.47
N VAL A 88 2.54 11.13 -7.70
CA VAL A 88 1.37 11.03 -6.83
C VAL A 88 1.86 10.73 -5.43
N VAL A 89 1.45 11.58 -4.51
CA VAL A 89 1.75 11.39 -3.09
C VAL A 89 0.47 11.22 -2.29
N ALA A 90 0.49 10.18 -1.42
CA ALA A 90 -0.57 9.96 -0.44
C ALA A 90 0.05 10.02 0.93
N THR A 91 -0.63 10.74 1.83
CA THR A 91 -0.33 10.62 3.26
C THR A 91 -1.64 10.32 3.99
N LYS A 92 -1.58 10.32 5.35
CA LYS A 92 -2.68 9.86 6.16
C LYS A 92 -2.79 10.77 7.35
N CYS A 93 -3.92 10.63 8.04
CA CYS A 93 -4.16 11.35 9.29
C CYS A 93 -4.95 10.41 10.23
N GLY A 94 -4.90 10.76 11.50
CA GLY A 94 -5.63 10.07 12.54
C GLY A 94 -4.84 9.09 13.36
N ARG A 95 -3.77 8.53 12.82
CA ARG A 95 -2.97 7.55 13.60
C ARG A 95 -1.61 8.16 13.87
N TYR A 96 -1.27 8.33 15.18
CA TYR A 96 -0.02 8.98 15.58
C TYR A 96 0.70 8.07 16.55
N ARG A 97 1.97 8.37 16.82
CA ARG A 97 2.72 7.59 17.80
C ARG A 97 2.07 7.61 19.18
N GLU A 98 1.37 8.72 19.52
CA GLU A 98 0.76 8.85 20.83
C GLU A 98 -0.67 8.35 20.86
N GLY A 99 -1.15 7.74 19.77
CA GLY A 99 -2.49 7.22 19.76
C GLY A 99 -3.28 7.75 18.57
N PHE A 100 -4.54 7.39 18.53
CA PHE A 100 -5.43 7.77 17.45
C PHE A 100 -6.25 9.00 17.78
N ASP A 101 -6.39 9.89 16.81
CA ASP A 101 -7.19 11.08 17.04
C ASP A 101 -7.68 11.53 15.66
N PHE A 102 -8.96 11.20 15.38
CA PHE A 102 -9.63 11.39 14.08
C PHE A 102 -10.54 12.60 14.18
N SER A 103 -10.34 13.45 15.20
CA SER A 103 -11.16 14.64 15.40
C SER A 103 -10.77 15.76 14.41
N ALA A 104 -11.74 16.68 14.21
CA ALA A 104 -11.72 17.67 13.20
C ALA A 104 -10.44 18.50 13.41
N ALA A 105 -10.17 18.97 14.65
CA ALA A 105 -9.01 19.85 14.84
C ALA A 105 -7.60 19.18 14.66
N ARG A 106 -7.52 17.92 15.04
CA ARG A 106 -6.28 17.18 14.84
C ARG A 106 -5.96 16.94 13.37
N VAL A 107 -6.99 16.51 12.61
CA VAL A 107 -6.66 16.13 11.24
C VAL A 107 -6.39 17.37 10.40
N THR A 108 -7.07 18.51 10.73
CA THR A 108 -6.90 19.74 9.99
C THR A 108 -5.46 20.21 10.22
N ARG A 109 -5.00 20.07 11.47
CA ARG A 109 -3.60 20.40 11.78
C ARG A 109 -2.57 19.44 11.17
N SER A 110 -2.91 18.16 11.21
CA SER A 110 -2.10 17.09 10.60
C SER A 110 -1.71 17.36 9.15
N VAL A 111 -2.73 17.71 8.38
CA VAL A 111 -2.43 17.92 6.98
C VAL A 111 -1.34 19.01 6.80
N ASP A 112 -1.49 20.12 7.53
CA ASP A 112 -0.51 21.20 7.37
C ASP A 112 0.88 20.74 7.78
N GLU A 113 0.94 19.95 8.85
CA GLU A 113 2.26 19.44 9.21
C GLU A 113 2.86 18.51 8.14
N SER A 114 2.01 17.64 7.58
CA SER A 114 2.51 16.73 6.58
C SER A 114 2.98 17.49 5.36
N LEU A 115 2.21 18.50 4.92
CA LEU A 115 2.60 19.26 3.73
C LEU A 115 3.96 19.92 3.92
N ALA A 116 4.22 20.46 5.10
CA ALA A 116 5.51 21.10 5.30
C ALA A 116 6.64 20.07 5.18
N ARG A 117 6.43 18.90 5.80
CA ARG A 117 7.47 17.86 5.74
C ARG A 117 7.69 17.37 4.30
N LEU A 118 6.59 17.23 3.56
CA LEU A 118 6.68 16.79 2.17
C LEU A 118 7.17 17.87 1.20
N GLY A 119 7.13 19.15 1.62
CA GLY A 119 7.52 20.27 0.76
C GLY A 119 6.54 20.43 -0.39
N LEU A 120 5.23 20.25 -0.10
CA LEU A 120 4.19 20.35 -1.10
C LEU A 120 3.18 21.40 -0.69
N ASP A 121 2.45 21.92 -1.71
CA ASP A 121 1.25 22.68 -1.44
C ASP A 121 0.01 21.84 -1.31
N TYR A 122 0.00 20.63 -1.92
CA TYR A 122 -1.13 19.74 -1.72
C TYR A 122 -0.58 18.31 -1.82
N VAL A 123 -1.31 17.38 -1.17
CA VAL A 123 -1.13 15.96 -1.43
C VAL A 123 -2.18 15.52 -2.44
N ASP A 124 -1.86 14.52 -3.26
CA ASP A 124 -2.90 13.94 -4.10
C ASP A 124 -4.00 13.30 -3.25
N ILE A 125 -3.57 12.51 -2.26
CA ILE A 125 -4.48 11.72 -1.44
C ILE A 125 -4.21 11.93 0.02
N LEU A 126 -5.28 12.17 0.79
CA LEU A 126 -5.21 12.14 2.24
C LEU A 126 -6.16 11.04 2.72
N HIS A 127 -5.57 10.01 3.39
CA HIS A 127 -6.37 8.92 3.93
C HIS A 127 -6.66 9.09 5.42
N CYS A 128 -7.82 8.61 5.85
CA CYS A 128 -8.05 8.29 7.26
C CYS A 128 -7.34 6.96 7.56
N HIS A 129 -6.43 6.94 8.54
CA HIS A 129 -5.51 5.85 8.75
C HIS A 129 -6.01 4.80 9.74
N ASP A 130 -6.18 3.55 9.27
CA ASP A 130 -6.47 2.44 10.18
C ASP A 130 -7.73 2.69 10.99
N ILE A 131 -8.82 2.93 10.28
CA ILE A 131 -10.06 3.36 10.88
C ILE A 131 -10.76 2.29 11.73
N GLU A 132 -10.35 1.02 11.60
CA GLU A 132 -10.95 0.02 12.47
C GLU A 132 -10.61 0.25 13.95
N PHE A 133 -9.66 1.10 14.27
CA PHE A 133 -9.32 1.41 15.64
C PHE A 133 -10.19 2.50 16.24
N THR A 134 -11.17 3.01 15.51
CA THR A 134 -12.14 3.93 16.14
C THR A 134 -13.54 3.42 15.83
N ASP A 135 -14.54 4.06 16.46
CA ASP A 135 -15.92 3.79 16.12
C ASP A 135 -16.12 4.24 14.67
N LEU A 136 -16.50 3.32 13.78
CA LEU A 136 -16.60 3.69 12.38
C LEU A 136 -17.68 4.76 12.19
N ASP A 137 -18.65 4.87 13.11
CA ASP A 137 -19.60 5.95 12.99
C ASP A 137 -18.92 7.32 13.14
N GLN A 138 -17.84 7.42 13.91
CA GLN A 138 -17.10 8.68 13.93
C GLN A 138 -16.57 9.03 12.57
N ILE A 139 -16.06 8.02 11.83
CA ILE A 139 -15.52 8.31 10.52
C ILE A 139 -16.64 8.80 9.58
N VAL A 140 -17.77 8.10 9.61
CA VAL A 140 -18.94 8.47 8.83
C VAL A 140 -19.41 9.89 9.20
N ASN A 141 -19.63 10.13 10.48
CA ASN A 141 -20.36 11.33 10.89
C ASN A 141 -19.46 12.56 11.09
N GLU A 142 -18.16 12.35 11.27
CA GLU A 142 -17.28 13.45 11.66
C GLU A 142 -16.09 13.58 10.76
N THR A 143 -15.31 12.50 10.63
CA THR A 143 -14.00 12.64 9.99
C THR A 143 -14.13 12.80 8.48
N ILE A 144 -14.94 11.99 7.81
CA ILE A 144 -15.10 12.21 6.36
C ILE A 144 -15.68 13.58 6.11
N PRO A 145 -16.71 14.11 6.82
CA PRO A 145 -17.11 15.51 6.63
C PRO A 145 -15.93 16.48 6.74
N VAL A 146 -15.07 16.34 7.77
CA VAL A 146 -13.94 17.23 7.93
C VAL A 146 -13.01 17.13 6.75
N LEU A 147 -12.75 15.91 6.24
CA LEU A 147 -11.85 15.80 5.10
C LEU A 147 -12.46 16.44 3.86
N GLN A 148 -13.78 16.52 3.73
CA GLN A 148 -14.37 17.27 2.61
C GLN A 148 -13.95 18.71 2.69
N LYS A 149 -13.91 19.28 3.89
CA LYS A 149 -13.46 20.66 4.06
C LYS A 149 -11.99 20.78 3.67
N ILE A 150 -11.16 19.82 4.06
CA ILE A 150 -9.75 19.85 3.71
C ILE A 150 -9.59 19.73 2.20
N LYS A 151 -10.37 18.90 1.53
CA LYS A 151 -10.34 18.81 0.06
C LYS A 151 -10.78 20.14 -0.54
N GLU A 152 -11.81 20.77 0.00
CA GLU A 152 -12.32 21.99 -0.62
C GLU A 152 -11.23 23.05 -0.51
N SER A 153 -10.44 23.08 0.58
CA SER A 153 -9.30 23.98 0.82
C SER A 153 -8.20 23.83 -0.22
N GLY A 154 -8.17 22.70 -0.93
CA GLY A 154 -7.19 22.44 -1.95
C GLY A 154 -5.93 21.72 -1.41
N LYS A 155 -5.85 21.48 -0.08
CA LYS A 155 -4.66 20.86 0.47
C LYS A 155 -4.57 19.36 0.20
N ALA A 156 -5.70 18.74 -0.16
CA ALA A 156 -5.71 17.32 -0.56
C ALA A 156 -6.65 17.25 -1.75
N ARG A 157 -6.27 16.59 -2.82
CA ARG A 157 -7.14 16.50 -3.97
C ARG A 157 -8.20 15.42 -3.84
N PHE A 158 -7.85 14.30 -3.14
CA PHE A 158 -8.67 13.12 -3.07
C PHE A 158 -8.61 12.59 -1.62
N ILE A 159 -9.71 12.00 -1.19
CA ILE A 159 -9.86 11.49 0.17
C ILE A 159 -9.91 9.98 0.13
N GLY A 160 -9.21 9.37 1.14
CA GLY A 160 -9.20 7.93 1.24
C GLY A 160 -9.53 7.43 2.65
N ILE A 161 -9.73 6.12 2.74
CA ILE A 161 -9.84 5.40 3.99
C ILE A 161 -8.94 4.18 3.90
N THR A 162 -8.33 3.78 5.03
CA THR A 162 -7.47 2.60 5.07
C THR A 162 -7.76 1.79 6.33
N GLY A 163 -7.32 0.54 6.30
CA GLY A 163 -7.33 -0.32 7.46
C GLY A 163 -7.25 -1.75 6.99
N LEU A 164 -7.33 -2.70 7.95
CA LEU A 164 -7.19 -4.12 7.61
C LEU A 164 -8.53 -4.79 7.30
N PRO A 165 -9.57 -4.77 8.13
CA PRO A 165 -10.73 -5.61 7.91
C PRO A 165 -11.49 -5.06 6.68
N LEU A 166 -11.84 -5.96 5.76
CA LEU A 166 -12.53 -5.50 4.56
C LEU A 166 -13.91 -4.92 4.86
N SER A 167 -14.51 -5.36 6.00
CA SER A 167 -15.80 -4.87 6.44
C SER A 167 -15.81 -3.36 6.71
N ILE A 168 -14.64 -2.72 6.92
CA ILE A 168 -14.72 -1.27 7.15
C ILE A 168 -15.18 -0.53 5.92
N TYR A 169 -14.89 -1.09 4.73
CA TYR A 169 -15.12 -0.31 3.52
C TYR A 169 -16.62 -0.26 3.15
N THR A 170 -17.28 -1.40 3.33
CA THR A 170 -18.74 -1.44 3.13
C THR A 170 -19.47 -0.64 4.18
N TYR A 171 -18.99 -0.71 5.45
CA TYR A 171 -19.69 0.00 6.49
C TYR A 171 -19.68 1.51 6.21
N VAL A 172 -18.49 2.04 5.86
CA VAL A 172 -18.35 3.45 5.66
C VAL A 172 -18.99 3.88 4.32
N LEU A 173 -18.65 3.17 3.25
CA LEU A 173 -19.07 3.64 1.95
C LEU A 173 -20.57 3.49 1.74
N ASP A 174 -21.23 2.59 2.49
CA ASP A 174 -22.71 2.54 2.41
C ASP A 174 -23.35 3.76 3.04
N GLN A 175 -22.64 4.47 3.90
CA GLN A 175 -23.24 5.44 4.80
C GLN A 175 -22.72 6.86 4.60
N VAL A 176 -21.95 7.14 3.54
CA VAL A 176 -21.56 8.50 3.25
C VAL A 176 -22.20 8.86 1.92
N PRO A 177 -22.39 10.18 1.68
CA PRO A 177 -22.92 10.61 0.39
C PRO A 177 -22.07 10.10 -0.76
N PRO A 178 -22.68 9.75 -1.92
CA PRO A 178 -21.87 9.35 -3.08
C PRO A 178 -20.78 10.41 -3.35
N GLY A 179 -19.58 9.93 -3.69
CA GLY A 179 -18.49 10.86 -4.02
C GLY A 179 -17.69 11.33 -2.80
N SER A 180 -18.05 10.98 -1.58
CA SER A 180 -17.34 11.46 -0.38
C SER A 180 -15.92 10.91 -0.25
N VAL A 181 -15.71 9.67 -0.73
CA VAL A 181 -14.42 9.01 -0.65
C VAL A 181 -14.01 8.71 -2.10
N ASP A 182 -12.74 9.02 -2.42
CA ASP A 182 -12.20 8.83 -3.75
C ASP A 182 -11.43 7.55 -3.95
N VAL A 183 -10.74 7.07 -2.89
CA VAL A 183 -9.89 5.90 -3.02
C VAL A 183 -9.95 5.15 -1.69
N ILE A 184 -9.51 3.90 -1.75
CA ILE A 184 -9.22 3.15 -0.50
C ILE A 184 -7.83 2.58 -0.65
N LEU A 185 -7.24 2.33 0.53
CA LEU A 185 -6.00 1.56 0.63
C LEU A 185 -6.35 0.39 1.48
N SER A 186 -6.15 -0.82 0.95
CA SER A 186 -6.30 -2.10 1.65
C SER A 186 -4.93 -2.76 1.69
N TYR A 187 -4.68 -3.55 2.72
CA TYR A 187 -3.41 -4.29 2.77
C TYR A 187 -3.67 -5.70 3.23
N CYS A 188 -2.74 -6.62 2.83
CA CYS A 188 -2.81 -8.01 3.24
C CYS A 188 -3.95 -8.79 2.61
N HIS A 189 -4.67 -8.23 1.67
CA HIS A 189 -5.79 -8.92 1.06
C HIS A 189 -5.68 -9.01 -0.45
N TYR A 190 -4.47 -8.80 -1.02
CA TYR A 190 -4.26 -9.16 -2.41
C TYR A 190 -2.87 -9.69 -2.60
N GLY A 191 -2.71 -10.97 -2.35
CA GLY A 191 -1.43 -11.67 -2.42
C GLY A 191 -1.75 -13.17 -2.46
N ILE A 192 -0.74 -14.00 -2.65
CA ILE A 192 -1.10 -15.42 -2.96
C ILE A 192 -1.90 -16.05 -1.82
N ASN A 193 -1.61 -15.71 -0.55
CA ASN A 193 -2.33 -16.32 0.55
C ASN A 193 -3.72 -15.75 0.76
N ASP A 194 -4.02 -14.55 0.26
CA ASP A 194 -5.28 -13.88 0.63
C ASP A 194 -5.61 -12.91 -0.47
N THR A 195 -6.68 -13.18 -1.26
CA THR A 195 -7.15 -12.32 -2.31
C THR A 195 -8.54 -11.77 -2.04
N ALA A 196 -8.94 -11.71 -0.75
CA ALA A 196 -10.30 -11.30 -0.46
C ALA A 196 -10.67 -9.92 -0.95
N LEU A 197 -9.66 -9.01 -1.23
CA LEU A 197 -9.98 -7.71 -1.79
C LEU A 197 -10.76 -7.82 -3.10
N VAL A 198 -10.56 -8.94 -3.83
CA VAL A 198 -11.25 -9.07 -5.12
C VAL A 198 -12.76 -8.94 -4.94
N ASP A 199 -13.27 -9.38 -3.80
CA ASP A 199 -14.71 -9.35 -3.54
C ASP A 199 -15.27 -7.96 -3.42
N LEU A 200 -14.38 -6.95 -3.24
CA LEU A 200 -14.83 -5.54 -3.19
C LEU A 200 -14.58 -4.78 -4.47
N LEU A 201 -13.86 -5.36 -5.45
CA LEU A 201 -13.48 -4.54 -6.57
C LEU A 201 -14.68 -4.03 -7.38
N PRO A 202 -15.69 -4.84 -7.77
CA PRO A 202 -16.86 -4.30 -8.44
C PRO A 202 -17.61 -3.24 -7.63
N TYR A 203 -17.87 -3.55 -6.36
CA TYR A 203 -18.45 -2.61 -5.40
C TYR A 203 -17.78 -1.24 -5.40
N LEU A 204 -16.45 -1.26 -5.22
CA LEU A 204 -15.70 -0.03 -5.23
C LEU A 204 -15.81 0.70 -6.57
N LYS A 205 -15.66 -0.04 -7.70
CA LYS A 205 -15.82 0.55 -8.99
C LYS A 205 -17.20 1.21 -9.12
N SER A 206 -18.24 0.56 -8.62
CA SER A 206 -19.59 1.06 -8.82
C SER A 206 -19.79 2.36 -8.05
N LYS A 207 -18.97 2.59 -7.05
CA LYS A 207 -19.05 3.80 -6.28
C LYS A 207 -18.04 4.82 -6.72
N GLY A 208 -17.29 4.56 -7.79
CA GLY A 208 -16.31 5.47 -8.31
C GLY A 208 -15.15 5.63 -7.33
N VAL A 209 -14.76 4.54 -6.65
CA VAL A 209 -13.64 4.57 -5.69
C VAL A 209 -12.48 3.82 -6.30
N GLY A 210 -11.30 4.47 -6.35
CA GLY A 210 -10.07 3.81 -6.79
C GLY A 210 -9.51 2.90 -5.73
N VAL A 211 -8.71 1.96 -6.18
CA VAL A 211 -8.24 0.89 -5.31
C VAL A 211 -6.72 0.79 -5.30
N ILE A 212 -6.15 0.94 -4.10
CA ILE A 212 -4.73 0.75 -3.83
C ILE A 212 -4.61 -0.44 -2.91
N SER A 213 -3.69 -1.36 -3.20
CA SER A 213 -3.40 -2.48 -2.30
C SER A 213 -2.00 -2.38 -1.78
N ALA A 214 -1.69 -3.08 -0.74
CA ALA A 214 -0.39 -3.03 -0.09
C ALA A 214 -0.10 -4.39 0.55
N SER A 215 1.12 -4.52 1.04
CA SER A 215 1.63 -5.68 1.70
C SER A 215 1.41 -6.93 0.83
N PRO A 216 1.95 -6.98 -0.38
CA PRO A 216 1.79 -8.16 -1.24
C PRO A 216 2.49 -9.39 -0.69
N LEU A 217 3.50 -9.21 0.16
CA LEU A 217 4.15 -10.37 0.80
C LEU A 217 3.55 -10.62 2.19
N ALA A 218 2.42 -9.97 2.50
CA ALA A 218 1.72 -10.16 3.76
C ALA A 218 2.65 -9.91 4.97
N MET A 219 3.40 -8.83 4.91
CA MET A 219 4.25 -8.38 5.98
C MET A 219 5.29 -9.45 6.36
N GLY A 220 5.75 -10.20 5.37
CA GLY A 220 6.89 -11.08 5.52
C GLY A 220 6.50 -12.56 5.51
N LEU A 221 5.23 -12.90 5.45
CA LEU A 221 4.85 -14.29 5.29
C LEU A 221 5.40 -14.90 4.02
N LEU A 222 5.37 -14.16 2.90
CA LEU A 222 5.71 -14.70 1.60
C LEU A 222 7.14 -14.33 1.31
N THR A 223 8.05 -14.80 2.18
CA THR A 223 9.50 -14.52 2.08
C THR A 223 10.26 -15.73 2.59
N ASP A 224 11.53 -15.82 2.18
CA ASP A 224 12.40 -16.89 2.65
C ASP A 224 12.68 -16.79 4.15
N ASN A 225 12.84 -15.55 4.60
CA ASN A 225 13.18 -15.25 5.99
C ASN A 225 12.00 -15.52 6.90
N GLY A 226 10.78 -15.37 6.36
CA GLY A 226 9.59 -15.52 7.16
C GLY A 226 9.20 -14.22 7.89
N PRO A 227 8.09 -14.27 8.63
CA PRO A 227 7.53 -13.09 9.26
C PRO A 227 8.28 -12.72 10.54
N PRO A 228 8.15 -11.46 10.98
CA PRO A 228 8.68 -11.05 12.27
C PRO A 228 7.93 -11.74 13.38
N GLU A 229 8.54 -11.77 14.56
CA GLU A 229 7.96 -12.50 15.68
C GLU A 229 6.60 -11.95 16.10
N TRP A 230 6.40 -10.64 15.90
CA TRP A 230 5.17 -9.94 16.29
C TRP A 230 3.97 -10.23 15.38
N HIS A 231 4.24 -10.84 14.21
CA HIS A 231 3.23 -10.93 13.18
C HIS A 231 1.99 -11.60 13.76
N PRO A 232 0.76 -11.05 13.56
CA PRO A 232 -0.41 -11.61 14.22
C PRO A 232 -1.06 -12.72 13.44
N ALA A 233 -0.48 -13.14 12.28
CA ALA A 233 -1.08 -14.27 11.55
C ALA A 233 -1.22 -15.47 12.47
N PRO A 234 -2.26 -16.29 12.26
CA PRO A 234 -2.38 -17.57 12.97
C PRO A 234 -1.21 -18.49 12.64
N LYS A 235 -0.81 -19.29 13.61
CA LYS A 235 0.29 -20.22 13.39
C LYS A 235 0.00 -21.12 12.19
N GLU A 236 -1.24 -21.52 11.94
CA GLU A 236 -1.52 -22.38 10.82
C GLU A 236 -1.15 -21.69 9.50
N LEU A 237 -1.42 -20.38 9.41
CA LEU A 237 -1.03 -19.61 8.22
C LEU A 237 0.47 -19.46 8.13
N LYS A 238 1.13 -19.14 9.25
CA LYS A 238 2.57 -19.06 9.25
C LYS A 238 3.19 -20.37 8.70
N LEU A 239 2.71 -21.51 9.20
CA LEU A 239 3.25 -22.81 8.79
C LEU A 239 3.09 -23.04 7.29
N ALA A 240 1.92 -22.75 6.76
CA ALA A 240 1.68 -22.94 5.35
C ALA A 240 2.56 -22.02 4.51
N CYS A 241 2.76 -20.75 4.95
CA CYS A 241 3.59 -19.83 4.16
C CYS A 241 5.06 -20.27 4.22
N ARG A 242 5.49 -20.86 5.34
CA ARG A 242 6.86 -21.38 5.45
C ARG A 242 7.01 -22.53 4.44
N ALA A 243 5.97 -23.39 4.35
CA ALA A 243 6.00 -24.50 3.40
C ALA A 243 6.03 -23.99 1.97
N ALA A 244 5.25 -22.93 1.70
CA ALA A 244 5.28 -22.35 0.35
C ALA A 244 6.62 -21.76 -0.04
N ALA A 245 7.26 -21.05 0.91
CA ALA A 245 8.55 -20.45 0.64
C ALA A 245 9.57 -21.56 0.38
N ASP A 246 9.57 -22.59 1.23
CA ASP A 246 10.48 -23.74 1.13
C ASP A 246 10.28 -24.45 -0.20
N HIS A 247 9.02 -24.59 -0.64
CA HIS A 247 8.72 -25.20 -1.95
C HIS A 247 9.45 -24.46 -3.09
N CYS A 248 9.41 -23.12 -3.03
CA CYS A 248 10.07 -22.32 -4.04
C CYS A 248 11.60 -22.44 -3.95
N LYS A 249 12.13 -22.28 -2.72
CA LYS A 249 13.56 -22.30 -2.48
C LYS A 249 14.19 -23.63 -2.95
N LYS A 250 13.52 -24.75 -2.65
CA LYS A 250 14.09 -26.07 -2.89
C LYS A 250 14.26 -26.25 -4.39
N LYS A 251 13.51 -25.56 -5.22
CA LYS A 251 13.53 -25.59 -6.64
C LYS A 251 14.38 -24.47 -7.22
N GLY A 252 15.06 -23.71 -6.39
CA GLY A 252 15.92 -22.63 -6.90
C GLY A 252 15.15 -21.36 -7.28
N LYS A 253 13.89 -21.23 -6.83
CA LYS A 253 13.03 -20.07 -7.18
C LYS A 253 12.78 -19.21 -5.94
N ASN A 254 12.23 -18.04 -6.19
CA ASN A 254 12.11 -17.08 -5.12
C ASN A 254 10.65 -16.65 -4.94
N ILE A 255 10.15 -17.02 -3.78
CA ILE A 255 8.74 -16.74 -3.43
C ILE A 255 8.44 -15.23 -3.46
N THR A 256 9.39 -14.41 -3.10
CA THR A 256 9.12 -12.95 -3.07
C THR A 256 8.82 -12.43 -4.48
N LYS A 257 9.60 -12.93 -5.47
CA LYS A 257 9.35 -12.52 -6.83
C LYS A 257 7.99 -13.01 -7.33
N LEU A 258 7.68 -14.29 -7.01
CA LEU A 258 6.42 -14.92 -7.42
C LEU A 258 5.23 -14.13 -6.80
N ALA A 259 5.36 -13.82 -5.52
CA ALA A 259 4.29 -13.12 -4.77
C ALA A 259 4.08 -11.71 -5.29
N MET A 260 5.19 -10.99 -5.51
CA MET A 260 5.07 -9.65 -6.07
C MET A 260 4.34 -9.68 -7.41
N GLN A 261 4.80 -10.61 -8.29
CA GLN A 261 4.19 -10.70 -9.61
C GLN A 261 2.71 -11.07 -9.48
N TYR A 262 2.35 -12.00 -8.58
CA TYR A 262 0.96 -12.42 -8.45
C TYR A 262 0.07 -11.22 -8.09
N SER A 263 0.55 -10.39 -7.17
CA SER A 263 -0.25 -9.25 -6.73
C SER A 263 -0.47 -8.23 -7.82
N LEU A 264 0.37 -8.22 -8.84
CA LEU A 264 0.33 -7.31 -9.96
C LEU A 264 -0.59 -7.83 -11.08
N MET A 265 -1.21 -9.01 -10.96
CA MET A 265 -1.93 -9.64 -12.08
C MET A 265 -3.39 -9.20 -12.18
N ASN A 266 -3.82 -8.25 -11.38
CA ASN A 266 -5.19 -7.78 -11.44
C ASN A 266 -5.20 -6.26 -11.71
N ASN A 267 -5.56 -5.87 -12.95
CA ASN A 267 -5.48 -4.46 -13.34
C ASN A 267 -6.57 -3.58 -12.71
N GLU A 268 -7.54 -4.14 -11.99
CA GLU A 268 -8.54 -3.37 -11.25
C GLU A 268 -7.94 -2.83 -9.95
N ILE A 269 -6.76 -3.36 -9.57
CA ILE A 269 -5.99 -2.72 -8.49
C ILE A 269 -4.98 -1.82 -9.17
N SER A 270 -4.99 -0.53 -8.87
CA SER A 270 -4.19 0.42 -9.65
C SER A 270 -2.74 0.38 -9.29
N THR A 271 -2.42 0.22 -8.00
CA THR A 271 -1.02 0.16 -7.58
C THR A 271 -0.99 -0.80 -6.40
N VAL A 272 0.13 -1.50 -6.31
CA VAL A 272 0.45 -2.32 -5.16
C VAL A 272 1.65 -1.71 -4.46
N LEU A 273 1.45 -1.23 -3.24
CA LEU A 273 2.50 -0.59 -2.49
C LEU A 273 3.39 -1.65 -1.85
N VAL A 274 4.69 -1.40 -1.91
CA VAL A 274 5.71 -2.30 -1.32
C VAL A 274 6.56 -1.46 -0.39
N GLY A 275 6.83 -1.99 0.78
CA GLY A 275 7.73 -1.29 1.67
C GLY A 275 9.13 -1.64 1.22
N MET A 276 9.83 -0.70 0.65
CA MET A 276 11.18 -0.92 0.14
C MET A 276 12.11 -0.05 0.97
N ASN A 277 13.31 -0.57 1.20
CA ASN A 277 14.24 0.04 2.17
C ASN A 277 15.55 0.43 1.53
N SER A 278 15.85 -0.10 0.36
CA SER A 278 17.16 0.08 -0.23
C SER A 278 16.98 0.11 -1.73
N PRO A 279 17.97 0.69 -2.46
CA PRO A 279 17.92 0.64 -3.92
C PRO A 279 17.79 -0.77 -4.49
N GLU A 280 18.46 -1.77 -3.89
CA GLU A 280 18.38 -3.10 -4.45
C GLU A 280 16.94 -3.62 -4.38
N GLN A 281 16.23 -3.40 -3.25
CA GLN A 281 14.86 -3.87 -3.19
C GLN A 281 13.99 -3.18 -4.22
N VAL A 282 14.23 -1.89 -4.47
CA VAL A 282 13.50 -1.22 -5.55
C VAL A 282 13.76 -1.91 -6.89
N GLU A 283 15.05 -2.16 -7.19
CA GLU A 283 15.40 -2.77 -8.46
C GLU A 283 14.71 -4.12 -8.65
N GLU A 284 14.67 -4.92 -7.57
CA GLU A 284 14.12 -6.24 -7.66
C GLU A 284 12.63 -6.15 -7.92
N ASN A 285 11.92 -5.25 -7.23
CA ASN A 285 10.49 -5.20 -7.41
C ASN A 285 10.09 -4.66 -8.77
N VAL A 286 10.76 -3.61 -9.22
CA VAL A 286 10.49 -3.10 -10.57
C VAL A 286 10.81 -4.17 -11.64
N ALA A 287 11.93 -4.88 -11.45
CA ALA A 287 12.19 -5.94 -12.40
C ALA A 287 11.09 -7.00 -12.40
N ALA A 288 10.58 -7.37 -11.20
CA ALA A 288 9.52 -8.37 -11.14
C ALA A 288 8.31 -7.87 -11.94
N ALA A 289 7.98 -6.56 -11.78
CA ALA A 289 6.82 -6.05 -12.47
C ALA A 289 7.02 -6.02 -13.98
N ILE A 290 8.22 -5.61 -14.44
CA ILE A 290 8.45 -5.54 -15.89
C ILE A 290 8.50 -6.98 -16.43
N GLU A 291 9.20 -7.89 -15.75
CA GLU A 291 9.26 -9.30 -16.14
C GLU A 291 7.83 -9.86 -16.22
N LEU A 292 6.95 -9.53 -15.27
CA LEU A 292 5.60 -10.06 -15.38
C LEU A 292 4.99 -9.71 -16.72
N SER A 293 5.19 -8.44 -17.08
CA SER A 293 4.60 -7.88 -18.28
C SER A 293 5.17 -8.45 -19.57
N THR A 294 6.38 -8.99 -19.58
CA THR A 294 7.13 -9.34 -20.79
C THR A 294 7.50 -10.82 -20.92
N SER A 295 7.50 -11.48 -19.80
CA SER A 295 7.86 -12.88 -19.70
C SER A 295 6.84 -13.76 -18.98
N GLY A 296 5.94 -13.14 -18.19
CA GLY A 296 4.84 -13.87 -17.58
C GLY A 296 5.26 -14.36 -16.21
N ILE A 297 4.28 -14.71 -15.36
CA ILE A 297 4.57 -15.41 -14.12
C ILE A 297 4.88 -16.89 -14.40
N ASP A 298 5.59 -17.52 -13.52
CA ASP A 298 5.72 -18.95 -13.61
C ASP A 298 4.44 -19.64 -13.10
N LYS A 299 3.59 -20.01 -14.06
CA LYS A 299 2.26 -20.51 -13.73
C LYS A 299 2.27 -21.87 -13.05
N GLU A 300 3.22 -22.74 -13.44
CA GLU A 300 3.24 -24.05 -12.79
C GLU A 300 3.65 -23.84 -11.35
N LEU A 301 4.68 -22.99 -11.09
CA LEU A 301 5.08 -22.75 -9.68
C LEU A 301 3.96 -22.11 -8.86
N LEU A 302 3.26 -21.20 -9.51
CA LEU A 302 2.14 -20.55 -8.87
C LEU A 302 1.07 -21.56 -8.48
N HIS A 303 0.72 -22.50 -9.42
CA HIS A 303 -0.28 -23.51 -9.09
C HIS A 303 0.11 -24.36 -7.90
N GLU A 304 1.40 -24.73 -7.83
CA GLU A 304 1.92 -25.53 -6.72
C GLU A 304 1.80 -24.76 -5.41
N VAL A 305 2.16 -23.48 -5.45
CA VAL A 305 2.13 -22.66 -4.22
C VAL A 305 0.69 -22.44 -3.79
N GLU A 306 -0.20 -22.19 -4.75
CA GLU A 306 -1.61 -22.08 -4.45
C GLU A 306 -2.16 -23.33 -3.77
N ALA A 307 -1.74 -24.53 -4.21
CA ALA A 307 -2.21 -25.77 -3.57
C ALA A 307 -1.71 -25.85 -2.14
N ILE A 308 -0.46 -25.45 -1.88
CA ILE A 308 0.03 -25.43 -0.50
C ILE A 308 -0.79 -24.48 0.37
N LEU A 309 -1.14 -23.32 -0.19
CA LEU A 309 -1.83 -22.32 0.63
C LEU A 309 -3.36 -22.53 0.71
N GLU A 310 -3.94 -23.44 -0.11
CA GLU A 310 -5.39 -23.56 -0.15
C GLU A 310 -6.04 -23.72 1.24
N PRO A 311 -5.51 -24.55 2.18
CA PRO A 311 -6.24 -24.70 3.43
C PRO A 311 -6.34 -23.43 4.26
N VAL A 312 -5.43 -22.45 3.99
CA VAL A 312 -5.35 -21.21 4.75
C VAL A 312 -5.69 -20.04 3.85
N LYS A 313 -6.29 -20.27 2.66
CA LYS A 313 -6.53 -19.17 1.77
C LYS A 313 -7.52 -18.20 2.42
N ASN A 314 -7.16 -16.92 2.44
CA ASN A 314 -8.00 -15.88 2.98
C ASN A 314 -8.09 -15.92 4.49
N MET A 315 -7.26 -16.73 5.17
CA MET A 315 -7.22 -16.67 6.64
C MET A 315 -6.59 -15.34 7.04
N THR A 316 -7.18 -14.68 7.99
CA THR A 316 -6.75 -13.36 8.45
C THR A 316 -6.63 -13.34 9.97
N TRP A 317 -6.66 -12.15 10.56
CA TRP A 317 -6.44 -11.97 12.01
C TRP A 317 -7.24 -10.73 12.40
N SER A 318 -7.49 -10.58 13.69
CA SER A 318 -8.30 -9.47 14.20
C SER A 318 -7.48 -8.16 14.12
N SER A 319 -8.20 -7.07 13.97
CA SER A 319 -7.60 -5.75 14.00
C SER A 319 -8.65 -4.77 14.48
N GLY A 320 -8.28 -3.86 15.38
CA GLY A 320 -9.16 -2.80 15.80
C GLY A 320 -10.21 -3.22 16.80
N ILE A 321 -11.17 -2.35 17.02
CA ILE A 321 -12.13 -2.57 18.09
C ILE A 321 -13.38 -3.18 17.51
N GLU A 322 -14.24 -3.64 18.44
CA GLU A 322 -15.55 -4.20 18.03
C GLU A 322 -16.55 -3.15 17.47
N GLN A 323 -17.37 -3.30 16.29
CA GLN A 323 -18.16 -2.32 15.91
C GLN A 323 -19.62 -2.41 16.39
N ALA A 324 -19.84 -1.76 17.61
CA ALA A 324 -21.00 -2.00 18.47
C ALA A 324 -21.61 -0.66 18.93
MG MG B . -20.45 2.45 15.84
#